data_1SYT
#
_entry.id   1SYT
#
_cell.length_a   63.111
_cell.length_b   66.036
_cell.length_c   107.626
_cell.angle_alpha   90.00
_cell.angle_beta   90.00
_cell.angle_gamma   90.00
#
_symmetry.space_group_name_H-M   'P 21 21 21'
#
loop_
_entity.id
_entity.type
_entity.pdbx_description
1 polymer BP40
2 branched alpha-D-mannopyranose-(1-4)-2-acetamido-2-deoxy-beta-D-glucopyranose-(1-4)-2-acetamido-2-deoxy-beta-D-glucopyranose
3 water water
#
_entity_poly.entity_id   1
_entity_poly.type   'polypeptide(L)'
_entity_poly.pdbx_seq_one_letter_code
;YKLICYYTSWSQYREGDGSCFPDAIDPFLCTHVIYSFANISNNEIDTWEWNDVTLYDTLNTLKNRNPKLKTLLSVGGWNF
GPERFSKIASKTQSRRTFIKSVPPFLRTHGFDGLDLAWLYPGRRDKRHLTALVKEMKAEFAREAQAGTERLLLSAAVSAG
KIAIDRGYDIAQISRHLDFISLLTYDFHGAWRQTVGHHSPLFRGNSDASSRFSNADYAVSYMLRLGAPANKLVMGIPTFG
RSFTLASSKTDGGAPISGPGIPGRFTKEKGILAYYEICDFLHGATTHRFRDQQVPYATKGNQWVAYDDQESVKNKARYLK
NRQLAGAMVWALDLDDFRGTFCGQNLTFPLTSAVKDVLARV
;
_entity_poly.pdbx_strand_id   A
#
# COMPACT_ATOMS: atom_id res chain seq x y z
N TYR A 1 -15.98 -7.34 -5.71
CA TYR A 1 -14.55 -7.19 -5.45
C TYR A 1 -14.21 -5.80 -4.94
N LYS A 2 -13.42 -5.68 -3.89
CA LYS A 2 -12.89 -4.42 -3.44
C LYS A 2 -11.63 -3.91 -4.19
N LEU A 3 -11.49 -2.62 -4.29
CA LEU A 3 -10.34 -2.01 -4.90
C LEU A 3 -9.93 -0.85 -3.99
N ILE A 4 -9.05 -1.13 -3.04
CA ILE A 4 -8.56 -0.14 -2.09
C ILE A 4 -7.39 0.62 -2.68
N CYS A 5 -7.52 1.95 -2.78
CA CYS A 5 -6.50 2.83 -3.34
C CYS A 5 -6.02 3.91 -2.35
N TYR A 6 -4.74 4.00 -2.12
CA TYR A 6 -4.13 4.95 -1.23
C TYR A 6 -3.78 6.26 -1.93
N TYR A 7 -3.98 7.37 -1.22
CA TYR A 7 -3.62 8.66 -1.72
C TYR A 7 -2.70 9.27 -0.68
N THR A 8 -1.53 9.74 -1.07
CA THR A 8 -0.60 10.33 -0.10
C THR A 8 -0.66 11.87 -0.05
N SER A 9 -0.71 12.40 1.17
CA SER A 9 -0.75 13.82 1.46
C SER A 9 0.38 14.62 0.81
N TRP A 10 1.60 14.12 0.90
CA TRP A 10 2.77 14.82 0.42
C TRP A 10 2.89 14.91 -1.07
N SER A 11 2.08 14.20 -1.84
CA SER A 11 2.18 14.27 -3.30
C SER A 11 1.73 15.63 -3.88
N GLN A 12 1.23 16.51 -3.00
CA GLN A 12 0.79 17.82 -3.43
C GLN A 12 1.94 18.78 -3.69
N TYR A 13 3.05 18.55 -3.02
CA TYR A 13 4.23 19.41 -3.11
C TYR A 13 5.10 19.06 -4.27
N ARG A 14 4.74 18.08 -5.07
CA ARG A 14 5.55 17.70 -6.21
C ARG A 14 5.41 18.75 -7.30
N GLU A 15 6.52 19.11 -7.93
CA GLU A 15 6.52 20.14 -8.96
C GLU A 15 5.87 19.73 -10.28
N GLY A 16 5.42 20.73 -11.03
CA GLY A 16 4.83 20.51 -12.33
C GLY A 16 3.66 19.58 -12.28
N ASP A 17 3.62 18.69 -13.26
CA ASP A 17 2.54 17.71 -13.38
C ASP A 17 2.56 16.64 -12.27
N GLY A 18 3.65 16.55 -11.58
CA GLY A 18 3.80 15.60 -10.50
C GLY A 18 2.86 15.93 -9.37
N SER A 19 2.47 17.17 -9.24
CA SER A 19 1.54 17.57 -8.18
C SER A 19 0.20 16.87 -8.31
N CYS A 20 -0.31 16.36 -7.19
CA CYS A 20 -1.58 15.63 -7.21
C CYS A 20 -2.45 15.90 -6.00
N PHE A 21 -3.68 16.32 -6.24
CA PHE A 21 -4.64 16.59 -5.19
C PHE A 21 -5.81 15.64 -5.33
N PRO A 22 -6.62 15.49 -4.28
CA PRO A 22 -7.77 14.56 -4.29
C PRO A 22 -8.64 14.79 -5.52
N ASP A 23 -8.54 16.00 -6.00
CA ASP A 23 -9.23 16.51 -7.14
C ASP A 23 -9.09 15.58 -8.37
N ALA A 24 -7.88 15.09 -8.60
CA ALA A 24 -7.60 14.29 -9.77
C ALA A 24 -8.14 12.88 -9.74
N ILE A 25 -8.68 12.44 -8.62
CA ILE A 25 -9.20 11.08 -8.48
C ILE A 25 -10.56 10.83 -9.13
N ASP A 26 -10.63 9.81 -9.96
CA ASP A 26 -11.85 9.37 -10.56
C ASP A 26 -12.67 8.72 -9.49
N PRO A 27 -13.84 9.26 -9.20
CA PRO A 27 -14.69 8.79 -8.10
C PRO A 27 -15.18 7.37 -8.30
N PHE A 28 -15.24 6.96 -9.55
CA PHE A 28 -15.71 5.64 -9.88
C PHE A 28 -14.61 4.62 -10.08
N LEU A 29 -13.33 5.00 -9.86
CA LEU A 29 -12.22 4.11 -10.08
C LEU A 29 -12.13 3.03 -9.00
N CYS A 30 -12.03 3.43 -7.75
CA CYS A 30 -11.89 2.48 -6.66
C CYS A 30 -13.14 2.39 -5.87
N THR A 31 -13.19 1.45 -4.92
CA THR A 31 -14.37 1.31 -4.04
C THR A 31 -14.09 2.02 -2.69
N HIS A 32 -12.83 2.08 -2.32
CA HIS A 32 -12.36 2.72 -1.13
C HIS A 32 -11.10 3.51 -1.47
N VAL A 33 -10.97 4.71 -0.90
CA VAL A 33 -9.81 5.54 -1.08
C VAL A 33 -9.31 5.85 0.33
N ILE A 34 -8.06 5.56 0.62
CA ILE A 34 -7.51 5.78 1.95
C ILE A 34 -6.58 6.96 1.88
N TYR A 35 -6.78 7.95 2.74
CA TYR A 35 -5.97 9.15 2.77
C TYR A 35 -4.80 8.82 3.59
N SER A 36 -3.61 9.07 3.06
CA SER A 36 -2.40 8.63 3.73
C SER A 36 -1.75 9.54 4.73
N PHE A 37 -1.91 9.03 5.97
CA PHE A 37 -1.27 9.40 7.24
C PHE A 37 -1.76 10.61 7.93
N ALA A 38 -2.51 10.28 8.97
CA ALA A 38 -2.92 11.13 9.99
C ALA A 38 -1.80 10.88 10.97
N ASN A 39 -1.69 11.66 12.05
CA ASN A 39 -0.64 11.56 13.02
C ASN A 39 -1.22 11.40 14.40
N ILE A 40 -0.38 11.33 15.43
CA ILE A 40 -0.85 11.22 16.81
C ILE A 40 -0.20 12.23 17.76
N SER A 41 -1.00 13.05 18.42
CA SER A 41 -0.47 14.02 19.39
C SER A 41 -1.20 13.84 20.68
N ASN A 42 -0.49 13.98 21.78
CA ASN A 42 -1.09 13.82 23.11
C ASN A 42 -2.06 12.66 23.08
N ASN A 43 -1.55 11.56 22.56
CA ASN A 43 -2.27 10.29 22.43
C ASN A 43 -3.64 10.37 21.77
N GLU A 44 -3.74 11.27 20.82
CA GLU A 44 -4.98 11.43 20.11
C GLU A 44 -4.68 11.61 18.62
N ILE A 45 -5.56 11.08 17.79
CA ILE A 45 -5.42 11.24 16.35
C ILE A 45 -5.41 12.71 15.98
N ASP A 46 -4.64 13.06 14.98
CA ASP A 46 -4.56 14.43 14.58
C ASP A 46 -4.08 14.56 13.14
N THR A 47 -4.10 15.77 12.61
CA THR A 47 -3.66 16.03 11.24
C THR A 47 -2.15 16.00 11.13
N TRP A 48 -1.66 16.11 9.92
CA TRP A 48 -0.24 16.06 9.67
C TRP A 48 0.18 17.32 8.85
N GLU A 49 -0.33 17.43 7.65
CA GLU A 49 -0.05 18.55 6.80
C GLU A 49 -0.93 19.71 7.24
N TRP A 50 -0.43 20.94 7.08
CA TRP A 50 -1.14 22.17 7.46
C TRP A 50 -2.53 22.24 6.82
N ASN A 51 -2.67 21.85 5.56
CA ASN A 51 -3.98 21.93 4.90
C ASN A 51 -4.75 20.60 4.83
N ASP A 52 -4.47 19.67 5.73
CA ASP A 52 -5.16 18.37 5.72
C ASP A 52 -6.69 18.55 5.77
N VAL A 53 -7.18 19.45 6.61
CA VAL A 53 -8.61 19.69 6.74
C VAL A 53 -9.21 20.09 5.41
N THR A 54 -8.47 20.81 4.60
CA THR A 54 -8.98 21.21 3.30
C THR A 54 -8.98 20.00 2.36
N LEU A 55 -7.90 19.25 2.37
CA LEU A 55 -7.78 18.09 1.53
C LEU A 55 -8.75 16.99 1.93
N TYR A 56 -8.97 16.80 3.24
CA TYR A 56 -9.91 15.83 3.73
C TYR A 56 -11.26 16.10 3.04
N ASP A 57 -11.66 17.36 3.09
CA ASP A 57 -12.90 17.84 2.52
C ASP A 57 -12.94 17.67 1.02
N THR A 58 -11.84 17.94 0.34
CA THR A 58 -11.76 17.76 -1.11
C THR A 58 -11.94 16.31 -1.48
N LEU A 59 -11.28 15.41 -0.72
CA LEU A 59 -11.37 13.97 -0.97
C LEU A 59 -12.78 13.46 -0.71
N ASN A 60 -13.34 13.80 0.43
CA ASN A 60 -14.66 13.33 0.80
C ASN A 60 -15.84 13.94 -0.05
N THR A 61 -15.56 14.97 -0.84
CA THR A 61 -16.61 15.50 -1.67
C THR A 61 -16.81 14.59 -2.92
N LEU A 62 -15.80 13.77 -3.25
CA LEU A 62 -15.93 12.83 -4.31
C LEU A 62 -17.12 11.96 -4.07
N LYS A 63 -17.48 11.81 -2.82
CA LYS A 63 -18.63 10.99 -2.48
C LYS A 63 -19.93 11.56 -2.92
N ASN A 64 -19.92 12.82 -3.36
CA ASN A 64 -21.14 13.47 -3.87
C ASN A 64 -21.42 12.97 -5.25
N ARG A 65 -20.36 12.62 -5.95
CA ARG A 65 -20.49 12.08 -7.30
C ARG A 65 -20.68 10.58 -7.28
N ASN A 66 -20.02 9.90 -6.36
CA ASN A 66 -20.17 8.43 -6.19
C ASN A 66 -20.59 8.08 -4.77
N PRO A 67 -21.90 8.00 -4.57
CA PRO A 67 -22.52 7.71 -3.27
C PRO A 67 -22.03 6.46 -2.61
N LYS A 68 -21.60 5.47 -3.38
CA LYS A 68 -21.06 4.23 -2.82
C LYS A 68 -19.57 4.24 -2.44
N LEU A 69 -18.85 5.26 -2.85
CA LEU A 69 -17.44 5.39 -2.57
C LEU A 69 -17.17 5.54 -1.06
N LYS A 70 -16.32 4.69 -0.52
CA LYS A 70 -15.98 4.76 0.92
C LYS A 70 -14.61 5.35 1.08
N THR A 71 -14.39 6.18 2.10
CA THR A 71 -13.05 6.69 2.36
C THR A 71 -12.62 6.36 3.79
N LEU A 72 -11.31 6.24 3.96
CA LEU A 72 -10.74 5.92 5.28
C LEU A 72 -9.52 6.81 5.44
N LEU A 73 -9.14 7.03 6.70
CA LEU A 73 -7.95 7.80 7.02
C LEU A 73 -7.01 6.80 7.59
N SER A 74 -5.72 6.91 7.28
CA SER A 74 -4.73 5.96 7.79
C SER A 74 -3.76 6.58 8.78
N VAL A 75 -3.52 5.93 9.89
CA VAL A 75 -2.59 6.40 10.92
C VAL A 75 -1.30 5.60 10.84
N GLY A 76 -0.17 6.23 11.14
CA GLY A 76 1.11 5.55 11.09
C GLY A 76 1.90 5.92 9.86
N GLY A 77 2.38 4.95 9.13
CA GLY A 77 3.18 5.21 7.94
C GLY A 77 4.66 5.01 8.22
N TRP A 78 5.48 5.17 7.18
CA TRP A 78 6.94 4.98 7.29
C TRP A 78 7.63 6.05 8.11
N ASN A 79 7.16 7.28 8.00
CA ASN A 79 7.74 8.38 8.73
C ASN A 79 7.17 8.51 10.14
N PHE A 80 6.48 7.49 10.59
CA PHE A 80 5.89 7.48 11.93
C PHE A 80 6.63 6.39 12.72
N GLY A 81 7.41 6.79 13.71
CA GLY A 81 8.17 5.82 14.49
C GLY A 81 7.38 4.62 15.01
N PRO A 82 7.81 3.41 14.71
CA PRO A 82 7.14 2.24 15.24
C PRO A 82 7.13 2.24 16.77
N GLU A 83 8.16 2.87 17.33
CA GLU A 83 8.29 2.97 18.78
C GLU A 83 7.14 3.80 19.30
N ARG A 84 6.85 4.89 18.63
CA ARG A 84 5.75 5.76 19.05
C ARG A 84 4.46 4.93 19.11
N PHE A 85 4.26 4.08 18.10
CA PHE A 85 3.09 3.24 18.10
C PHE A 85 3.16 2.28 19.25
N SER A 86 4.30 1.60 19.34
CA SER A 86 4.53 0.63 20.42
C SER A 86 4.24 1.24 21.79
N LYS A 87 4.68 2.48 21.96
CA LYS A 87 4.50 3.21 23.23
C LYS A 87 3.02 3.46 23.57
N ILE A 88 2.21 3.80 22.55
CA ILE A 88 0.80 4.06 22.72
C ILE A 88 -0.01 2.83 23.04
N ALA A 89 0.33 1.69 22.43
CA ALA A 89 -0.45 0.46 22.61
C ALA A 89 -0.15 -0.41 23.85
N SER A 90 1.03 -0.21 24.45
CA SER A 90 1.43 -0.97 25.65
C SER A 90 0.71 -0.52 26.90
N LYS A 91 0.60 0.79 27.07
CA LYS A 91 -0.04 1.39 28.23
C LYS A 91 -1.52 1.57 28.00
N THR A 92 -2.31 0.69 28.60
CA THR A 92 -3.76 0.72 28.44
C THR A 92 -4.37 2.11 28.65
N GLN A 93 -3.66 3.00 29.32
CA GLN A 93 -4.20 4.35 29.55
C GLN A 93 -4.15 5.23 28.28
N SER A 94 -3.03 5.16 27.57
CA SER A 94 -2.87 5.98 26.38
C SER A 94 -3.62 5.35 25.19
N ARG A 95 -3.83 4.03 25.26
CA ARG A 95 -4.49 3.29 24.21
C ARG A 95 -5.96 3.62 24.17
N ARG A 96 -6.60 3.59 25.33
CA ARG A 96 -8.01 3.91 25.45
C ARG A 96 -8.24 5.40 25.04
N THR A 97 -7.30 6.24 25.36
CA THR A 97 -7.36 7.62 24.99
C THR A 97 -7.30 7.79 23.50
N PHE A 98 -6.32 7.14 22.88
CA PHE A 98 -6.19 7.21 21.44
C PHE A 98 -7.50 6.72 20.81
N ILE A 99 -7.94 5.57 21.28
CA ILE A 99 -9.16 4.96 20.75
C ILE A 99 -10.38 5.89 20.74
N LYS A 100 -10.77 6.38 21.92
CA LYS A 100 -11.90 7.27 22.05
C LYS A 100 -11.78 8.53 21.24
N SER A 101 -10.59 8.96 20.89
CA SER A 101 -10.45 10.17 20.09
C SER A 101 -10.77 10.01 18.62
N VAL A 102 -10.74 8.79 18.10
CA VAL A 102 -10.93 8.53 16.69
C VAL A 102 -12.34 8.77 16.10
N PRO A 103 -13.37 8.11 16.62
CA PRO A 103 -14.69 8.28 16.02
C PRO A 103 -15.07 9.73 15.81
N PRO A 104 -14.96 10.59 16.81
CA PRO A 104 -15.30 12.01 16.64
C PRO A 104 -14.52 12.64 15.50
N PHE A 105 -13.23 12.38 15.44
CA PHE A 105 -12.37 12.92 14.40
C PHE A 105 -12.87 12.51 13.00
N LEU A 106 -13.02 11.22 12.82
CA LEU A 106 -13.45 10.70 11.56
C LEU A 106 -14.83 11.24 11.17
N ARG A 107 -15.74 11.34 12.13
CA ARG A 107 -17.07 11.80 11.86
C ARG A 107 -17.04 13.31 11.46
N THR A 108 -16.17 14.06 12.09
CA THR A 108 -16.09 15.48 11.82
C THR A 108 -15.68 15.68 10.40
N HIS A 109 -14.63 14.99 9.97
CA HIS A 109 -14.07 15.18 8.62
C HIS A 109 -14.63 14.27 7.52
N GLY A 110 -15.64 13.50 7.86
CA GLY A 110 -16.31 12.68 6.90
C GLY A 110 -15.74 11.37 6.44
N PHE A 111 -14.93 10.70 7.25
CA PHE A 111 -14.35 9.42 6.89
C PHE A 111 -15.24 8.29 7.28
N ASP A 112 -15.19 7.22 6.51
CA ASP A 112 -16.02 6.03 6.78
C ASP A 112 -15.28 5.02 7.62
N GLY A 113 -14.01 5.26 7.89
CA GLY A 113 -13.21 4.33 8.67
C GLY A 113 -11.76 4.76 8.92
N LEU A 114 -11.05 3.91 9.67
CA LEU A 114 -9.67 4.14 10.03
C LEU A 114 -8.85 3.01 9.49
N ASP A 115 -7.65 3.34 9.02
CA ASP A 115 -6.71 2.36 8.49
C ASP A 115 -5.48 2.38 9.39
N LEU A 116 -5.14 1.24 9.98
CA LEU A 116 -3.98 1.15 10.87
C LEU A 116 -2.71 0.78 10.11
N ALA A 117 -1.79 1.71 10.00
CA ALA A 117 -0.54 1.45 9.27
C ALA A 117 0.73 1.39 10.21
N TRP A 118 0.64 0.61 11.28
CA TRP A 118 1.74 0.42 12.20
C TRP A 118 2.85 -0.29 11.42
N LEU A 119 3.78 0.46 10.89
CA LEU A 119 4.73 -0.17 10.01
C LEU A 119 5.73 -0.97 10.76
N TYR A 120 5.29 -2.23 10.90
CA TYR A 120 6.05 -3.31 11.49
C TYR A 120 6.13 -3.28 12.99
N PRO A 121 5.27 -4.06 13.64
CA PRO A 121 5.33 -4.30 15.07
C PRO A 121 6.35 -5.37 15.34
N GLY A 122 7.02 -5.33 16.48
CA GLY A 122 8.03 -6.30 16.80
C GLY A 122 7.50 -7.42 17.65
N ARG A 123 8.40 -8.31 18.04
CA ARG A 123 8.07 -9.49 18.88
C ARG A 123 7.38 -9.06 20.18
N ARG A 124 7.85 -8.01 20.83
CA ARG A 124 7.22 -7.55 22.08
C ARG A 124 5.93 -6.81 21.92
N ASP A 125 5.48 -6.61 20.66
CA ASP A 125 4.26 -5.83 20.36
C ASP A 125 3.03 -6.67 20.03
N LYS A 126 3.23 -7.87 19.52
CA LYS A 126 2.10 -8.72 19.10
C LYS A 126 0.86 -8.62 20.04
N ARG A 127 1.08 -8.87 21.32
CA ARG A 127 0.01 -8.86 22.31
C ARG A 127 -0.76 -7.54 22.35
N HIS A 128 -0.04 -6.44 22.23
CA HIS A 128 -0.65 -5.13 22.28
C HIS A 128 -1.36 -4.71 20.99
N LEU A 129 -0.83 -5.19 19.86
CA LEU A 129 -1.45 -4.92 18.57
C LEU A 129 -2.90 -5.50 18.62
N THR A 130 -2.98 -6.72 19.10
CA THR A 130 -4.26 -7.39 19.22
C THR A 130 -5.21 -6.61 20.06
N ALA A 131 -4.70 -6.07 21.17
CA ALA A 131 -5.51 -5.29 22.09
C ALA A 131 -6.04 -4.05 21.41
N LEU A 132 -5.20 -3.39 20.65
CA LEU A 132 -5.56 -2.16 19.92
C LEU A 132 -6.70 -2.43 18.96
N VAL A 133 -6.62 -3.51 18.24
CA VAL A 133 -7.63 -3.85 17.27
C VAL A 133 -8.91 -4.23 17.93
N LYS A 134 -8.83 -5.13 18.91
CA LYS A 134 -9.98 -5.62 19.67
C LYS A 134 -10.79 -4.41 20.21
N GLU A 135 -10.11 -3.57 20.95
CA GLU A 135 -10.73 -2.46 21.56
C GLU A 135 -11.26 -1.42 20.57
N MET A 136 -10.52 -1.14 19.50
CA MET A 136 -10.95 -0.15 18.52
C MET A 136 -12.28 -0.56 17.85
N LYS A 137 -12.36 -1.83 17.52
CA LYS A 137 -13.55 -2.39 16.89
C LYS A 137 -14.69 -2.29 17.88
N ALA A 138 -14.41 -2.60 19.13
CA ALA A 138 -15.43 -2.52 20.16
C ALA A 138 -15.95 -1.10 20.25
N GLU A 139 -15.06 -0.13 20.29
CA GLU A 139 -15.48 1.27 20.35
C GLU A 139 -16.31 1.62 19.12
N PHE A 140 -15.93 1.13 17.95
CA PHE A 140 -16.66 1.41 16.73
C PHE A 140 -18.02 0.79 16.78
N ALA A 141 -18.11 -0.42 17.31
CA ALA A 141 -19.41 -1.10 17.42
C ALA A 141 -20.35 -0.33 18.33
N ARG A 142 -19.76 0.26 19.35
CA ARG A 142 -20.51 1.03 20.32
C ARG A 142 -21.05 2.32 19.72
N GLU A 143 -20.17 3.03 19.04
CA GLU A 143 -20.50 4.31 18.43
C GLU A 143 -21.63 4.17 17.46
N ALA A 144 -21.77 3.00 16.83
CA ALA A 144 -22.84 2.77 15.87
C ALA A 144 -24.22 2.72 16.55
N GLN A 145 -24.24 2.43 17.84
CA GLN A 145 -25.49 2.36 18.59
C GLN A 145 -26.26 3.69 18.48
N ALA A 146 -25.53 4.76 18.23
CA ALA A 146 -26.09 6.09 18.09
C ALA A 146 -26.91 6.26 16.80
N GLY A 147 -27.05 5.19 16.04
CA GLY A 147 -27.88 5.26 14.85
C GLY A 147 -27.19 5.56 13.55
N THR A 148 -25.89 5.49 13.54
CA THR A 148 -25.14 5.75 12.34
C THR A 148 -24.39 4.50 11.83
N GLU A 149 -24.00 4.50 10.58
CA GLU A 149 -23.28 3.39 9.92
C GLU A 149 -21.96 3.12 10.59
N ARG A 150 -21.75 1.90 11.07
CA ARG A 150 -20.51 1.54 11.75
C ARG A 150 -19.31 1.91 10.94
N LEU A 151 -18.30 2.46 11.60
CA LEU A 151 -17.04 2.86 10.95
C LEU A 151 -16.29 1.61 10.57
N LEU A 152 -15.49 1.67 9.50
CA LEU A 152 -14.71 0.55 9.07
C LEU A 152 -13.35 0.59 9.76
N LEU A 153 -12.77 -0.58 9.93
CA LEU A 153 -11.46 -0.71 10.55
C LEU A 153 -10.59 -1.74 9.79
N SER A 154 -9.51 -1.24 9.19
CA SER A 154 -8.61 -2.06 8.43
C SER A 154 -7.22 -1.94 8.91
N ALA A 155 -6.32 -2.69 8.29
CA ALA A 155 -4.90 -2.67 8.68
C ALA A 155 -3.97 -3.12 7.54
N ALA A 156 -2.85 -2.42 7.41
CA ALA A 156 -1.85 -2.71 6.40
C ALA A 156 -0.89 -3.59 7.10
N VAL A 157 -0.73 -4.82 6.62
CA VAL A 157 0.18 -5.80 7.27
C VAL A 157 1.33 -6.23 6.38
N SER A 158 2.50 -6.51 6.99
CA SER A 158 3.68 -6.95 6.27
C SER A 158 3.44 -8.26 5.50
N ALA A 159 4.15 -8.45 4.42
CA ALA A 159 4.03 -9.64 3.65
C ALA A 159 5.20 -10.58 3.88
N GLY A 160 6.16 -10.20 4.70
CA GLY A 160 7.31 -11.08 4.97
C GLY A 160 7.05 -12.07 6.10
N LYS A 161 7.29 -13.34 5.81
CA LYS A 161 7.04 -14.42 6.74
C LYS A 161 7.60 -14.14 8.13
N ILE A 162 8.86 -13.80 8.20
CA ILE A 162 9.46 -13.51 9.50
C ILE A 162 8.81 -12.36 10.21
N ALA A 163 8.50 -11.29 9.48
CA ALA A 163 7.89 -10.12 10.09
C ALA A 163 6.54 -10.51 10.62
N ILE A 164 5.86 -11.39 9.89
CA ILE A 164 4.51 -11.82 10.23
C ILE A 164 4.51 -12.65 11.51
N ASP A 165 5.38 -13.71 11.59
CA ASP A 165 5.47 -14.60 12.75
C ASP A 165 5.79 -13.79 13.99
N ARG A 166 6.71 -12.85 13.79
CA ARG A 166 7.24 -12.01 14.85
C ARG A 166 6.21 -11.09 15.55
N GLY A 167 5.49 -10.25 14.80
CA GLY A 167 4.59 -9.28 15.43
C GLY A 167 3.10 -9.35 15.19
N TYR A 168 2.59 -10.38 14.53
CA TYR A 168 1.15 -10.41 14.27
C TYR A 168 0.46 -11.67 14.71
N ASP A 169 -0.69 -11.54 15.32
CA ASP A 169 -1.52 -12.66 15.70
C ASP A 169 -2.68 -12.65 14.68
N ILE A 170 -2.36 -13.02 13.44
CA ILE A 170 -3.28 -13.04 12.33
C ILE A 170 -4.63 -13.65 12.58
N ALA A 171 -4.65 -14.78 13.27
CA ALA A 171 -5.92 -15.42 13.59
C ALA A 171 -6.81 -14.52 14.45
N GLN A 172 -6.20 -13.86 15.42
CA GLN A 172 -6.92 -13.01 16.31
C GLN A 172 -7.43 -11.72 15.64
N ILE A 173 -6.54 -10.91 15.11
CA ILE A 173 -6.95 -9.64 14.53
C ILE A 173 -7.90 -9.80 13.32
N SER A 174 -7.78 -10.90 12.60
CA SER A 174 -8.60 -11.14 11.43
C SER A 174 -10.08 -11.10 11.70
N ARG A 175 -10.52 -11.59 12.85
CA ARG A 175 -11.95 -11.57 13.14
C ARG A 175 -12.48 -10.24 13.59
N HIS A 176 -11.61 -9.26 13.80
CA HIS A 176 -12.02 -7.92 14.20
C HIS A 176 -11.89 -6.90 13.08
N LEU A 177 -10.96 -7.11 12.16
CA LEU A 177 -10.75 -6.17 11.04
C LEU A 177 -11.74 -6.40 9.96
N ASP A 178 -12.08 -5.37 9.19
CA ASP A 178 -13.00 -5.48 8.04
C ASP A 178 -12.27 -6.02 6.81
N PHE A 179 -11.02 -5.64 6.64
CA PHE A 179 -10.19 -6.13 5.57
C PHE A 179 -8.69 -5.92 5.90
N ILE A 180 -7.85 -6.80 5.38
CA ILE A 180 -6.43 -6.72 5.59
C ILE A 180 -5.73 -6.46 4.24
N SER A 181 -4.88 -5.44 4.21
CA SER A 181 -4.06 -5.16 3.06
C SER A 181 -2.72 -5.79 3.20
N LEU A 182 -2.36 -6.68 2.28
CA LEU A 182 -1.04 -7.32 2.28
C LEU A 182 0.00 -6.50 1.54
N LEU A 183 1.03 -6.05 2.22
CA LEU A 183 2.07 -5.22 1.59
C LEU A 183 2.99 -6.05 0.73
N THR A 184 2.46 -6.72 -0.28
CA THR A 184 3.22 -7.60 -1.15
C THR A 184 4.04 -6.85 -2.20
N TYR A 185 4.91 -5.98 -1.77
CA TYR A 185 5.75 -5.28 -2.71
C TYR A 185 6.98 -4.75 -2.06
N ASP A 186 7.37 -5.34 -0.94
CA ASP A 186 8.60 -4.92 -0.25
C ASP A 186 9.53 -6.13 -0.10
N PHE A 187 9.42 -7.06 -1.03
CA PHE A 187 10.16 -8.30 -0.95
C PHE A 187 11.67 -8.19 -1.11
N HIS A 188 12.18 -7.44 -2.07
CA HIS A 188 13.63 -7.31 -2.16
C HIS A 188 14.06 -6.41 -1.01
N GLY A 189 14.87 -6.96 -0.10
CA GLY A 189 15.32 -6.23 1.07
C GLY A 189 16.42 -5.20 0.87
N ALA A 190 16.10 -3.94 1.19
CA ALA A 190 17.05 -2.84 1.06
C ALA A 190 18.40 -3.07 1.78
N TRP A 191 18.51 -4.19 2.50
CA TRP A 191 19.74 -4.46 3.26
C TRP A 191 20.99 -4.69 2.42
N ARG A 192 20.98 -5.63 1.46
CA ARG A 192 22.23 -5.89 0.72
C ARG A 192 22.30 -5.74 -0.83
N GLN A 193 23.53 -5.47 -1.25
CA GLN A 193 24.02 -5.16 -2.58
C GLN A 193 23.76 -6.07 -3.79
N THR A 194 22.52 -6.36 -4.10
CA THR A 194 22.25 -7.09 -5.35
C THR A 194 21.01 -6.61 -6.08
N VAL A 195 20.96 -6.84 -7.38
CA VAL A 195 19.81 -6.48 -8.19
C VAL A 195 18.70 -7.48 -7.91
N GLY A 196 17.46 -7.03 -7.88
CA GLY A 196 16.36 -7.94 -7.64
C GLY A 196 15.03 -7.26 -7.68
N HIS A 197 13.97 -8.04 -7.89
CA HIS A 197 12.62 -7.50 -7.97
C HIS A 197 11.94 -7.52 -6.63
N HIS A 198 11.31 -6.40 -6.28
CA HIS A 198 10.63 -6.21 -4.99
C HIS A 198 9.18 -6.73 -4.91
N SER A 199 8.56 -7.00 -6.03
CA SER A 199 7.18 -7.49 -6.04
C SER A 199 6.96 -8.73 -6.93
N PRO A 200 7.75 -9.74 -6.77
CA PRO A 200 7.57 -10.94 -7.60
C PRO A 200 6.26 -11.61 -7.25
N LEU A 201 5.58 -12.10 -8.28
CA LEU A 201 4.35 -12.82 -8.09
C LEU A 201 4.65 -14.24 -7.65
N PHE A 202 5.55 -14.90 -8.35
CA PHE A 202 5.91 -16.28 -8.03
C PHE A 202 7.35 -16.44 -7.60
N ARG A 203 7.61 -17.57 -6.95
CA ARG A 203 8.92 -17.94 -6.41
C ARG A 203 9.96 -18.02 -7.51
N GLY A 204 9.60 -18.71 -8.58
CA GLY A 204 10.51 -18.84 -9.69
C GLY A 204 11.59 -19.91 -9.54
N ASN A 205 11.47 -20.95 -10.37
CA ASN A 205 12.43 -22.05 -10.44
C ASN A 205 13.81 -21.52 -10.83
N SER A 206 14.49 -20.83 -9.93
CA SER A 206 15.78 -20.27 -10.26
C SER A 206 16.62 -19.75 -9.07
N ASP A 207 16.20 -20.04 -7.83
CA ASP A 207 16.95 -19.64 -6.65
C ASP A 207 16.30 -20.11 -5.35
N ALA A 208 16.91 -21.16 -4.79
CA ALA A 208 16.45 -21.89 -3.60
C ALA A 208 16.09 -21.13 -2.32
N SER A 209 16.95 -20.21 -1.87
CA SER A 209 16.69 -19.51 -0.60
C SER A 209 15.83 -18.24 -0.75
N SER A 210 14.96 -18.02 0.23
CA SER A 210 14.06 -16.87 0.24
C SER A 210 12.92 -17.11 -0.73
N ARG A 211 12.34 -18.39 -0.66
CA ARG A 211 11.11 -18.72 -1.34
C ARG A 211 9.93 -18.03 -0.68
N PHE A 212 10.19 -17.41 0.46
CA PHE A 212 9.16 -16.72 1.19
C PHE A 212 8.94 -15.31 0.68
N SER A 213 9.80 -14.84 -0.21
CA SER A 213 9.75 -13.45 -0.71
C SER A 213 8.99 -13.20 -1.99
N ASN A 214 7.77 -13.68 -2.09
CA ASN A 214 6.94 -13.50 -3.23
C ASN A 214 5.47 -13.50 -2.78
N ALA A 215 4.65 -12.76 -3.49
CA ALA A 215 3.22 -12.65 -3.19
C ALA A 215 2.55 -14.05 -2.98
N ASP A 216 2.81 -14.99 -3.87
CA ASP A 216 2.20 -16.29 -3.77
C ASP A 216 2.36 -16.94 -2.43
N TYR A 217 3.58 -16.94 -1.91
CA TYR A 217 3.82 -17.52 -0.61
C TYR A 217 3.12 -16.69 0.44
N ALA A 218 3.25 -15.39 0.35
CA ALA A 218 2.64 -14.51 1.36
C ALA A 218 1.14 -14.77 1.53
N VAL A 219 0.44 -14.87 0.40
CA VAL A 219 -1.00 -15.12 0.42
C VAL A 219 -1.32 -16.48 0.99
N SER A 220 -0.61 -17.50 0.54
CA SER A 220 -0.81 -18.87 1.04
C SER A 220 -0.50 -18.96 2.54
N TYR A 221 0.50 -18.22 3.02
CA TYR A 221 0.85 -18.23 4.43
C TYR A 221 -0.31 -17.58 5.27
N MET A 222 -0.83 -16.42 4.84
CA MET A 222 -1.87 -15.76 5.57
C MET A 222 -3.09 -16.67 5.66
N LEU A 223 -3.43 -17.30 4.55
CA LEU A 223 -4.59 -18.19 4.54
C LEU A 223 -4.32 -19.33 5.52
N ARG A 224 -3.11 -19.84 5.54
CA ARG A 224 -2.73 -20.90 6.43
C ARG A 224 -2.87 -20.45 7.88
N LEU A 225 -2.40 -19.24 8.19
CA LEU A 225 -2.46 -18.74 9.56
C LEU A 225 -3.88 -18.38 10.05
N GLY A 226 -4.91 -18.53 9.20
CA GLY A 226 -6.26 -18.31 9.61
C GLY A 226 -7.01 -17.05 9.16
N ALA A 227 -6.41 -16.23 8.32
CA ALA A 227 -7.08 -15.07 7.78
C ALA A 227 -8.01 -15.52 6.65
N PRO A 228 -9.26 -15.15 6.75
CA PRO A 228 -10.24 -15.52 5.73
C PRO A 228 -9.95 -14.82 4.41
N ALA A 229 -10.02 -15.58 3.31
CA ALA A 229 -9.78 -15.06 2.00
C ALA A 229 -10.66 -13.82 1.74
N ASN A 230 -11.92 -13.85 2.21
CA ASN A 230 -12.82 -12.75 1.96
C ASN A 230 -12.46 -11.50 2.71
N LYS A 231 -11.36 -11.49 3.44
CA LYS A 231 -10.90 -10.30 4.16
C LYS A 231 -9.48 -9.88 3.75
N LEU A 232 -8.83 -10.70 2.94
CA LEU A 232 -7.49 -10.43 2.48
C LEU A 232 -7.48 -9.61 1.18
N VAL A 233 -6.65 -8.59 1.15
CA VAL A 233 -6.52 -7.73 -0.04
C VAL A 233 -5.05 -7.70 -0.42
N MET A 234 -4.72 -8.02 -1.64
CA MET A 234 -3.32 -8.10 -2.07
C MET A 234 -2.87 -6.77 -2.57
N GLY A 235 -1.74 -6.31 -2.07
CA GLY A 235 -1.23 -5.00 -2.49
C GLY A 235 -0.48 -5.06 -3.79
N ILE A 236 -0.75 -4.11 -4.65
CA ILE A 236 -0.11 -4.01 -5.95
C ILE A 236 0.61 -2.67 -6.07
N PRO A 237 1.87 -2.65 -6.42
CA PRO A 237 2.61 -1.39 -6.49
C PRO A 237 2.42 -0.64 -7.81
N THR A 238 2.36 0.66 -7.69
CA THR A 238 2.19 1.53 -8.79
C THR A 238 3.50 2.27 -9.08
N PHE A 239 4.52 1.96 -8.30
CA PHE A 239 5.83 2.53 -8.43
C PHE A 239 6.83 1.47 -8.72
N GLY A 240 8.09 1.86 -8.96
CA GLY A 240 9.14 0.90 -9.25
C GLY A 240 10.32 1.15 -8.33
N ARG A 241 11.23 0.21 -8.26
CA ARG A 241 12.40 0.38 -7.41
C ARG A 241 13.64 0.43 -8.26
N SER A 242 14.49 1.41 -8.06
CA SER A 242 15.69 1.58 -8.89
C SER A 242 17.00 1.28 -8.17
N PHE A 243 18.00 0.93 -8.96
CA PHE A 243 19.34 0.61 -8.45
C PHE A 243 20.45 1.09 -9.40
N THR A 244 21.57 1.52 -8.80
CA THR A 244 22.72 1.92 -9.60
C THR A 244 23.67 0.72 -9.72
N LEU A 245 23.80 0.20 -10.94
CA LEU A 245 24.68 -0.93 -11.20
C LEU A 245 26.14 -0.63 -10.82
N ALA A 246 26.81 -1.62 -10.26
CA ALA A 246 28.21 -1.51 -9.88
C ALA A 246 29.08 -2.13 -10.97
N SER A 247 28.47 -2.65 -12.03
CA SER A 247 29.17 -3.27 -13.12
C SER A 247 28.33 -3.30 -14.38
N SER A 248 28.92 -3.75 -15.47
CA SER A 248 28.23 -3.82 -16.74
C SER A 248 27.32 -5.05 -16.76
N LYS A 249 27.19 -5.70 -15.63
CA LYS A 249 26.34 -6.88 -15.54
C LYS A 249 24.93 -6.41 -15.28
N THR A 250 23.98 -6.84 -16.14
CA THR A 250 22.58 -6.43 -16.05
C THR A 250 21.59 -7.55 -15.64
N ASP A 251 21.99 -8.80 -15.77
CA ASP A 251 21.11 -9.91 -15.44
C ASP A 251 20.98 -10.14 -13.94
N GLY A 252 20.10 -11.08 -13.58
CA GLY A 252 19.83 -11.41 -12.19
C GLY A 252 21.09 -11.65 -11.39
N GLY A 253 21.14 -11.08 -10.20
CA GLY A 253 22.28 -11.23 -9.31
C GLY A 253 23.38 -10.20 -9.47
N ALA A 254 23.25 -9.32 -10.48
CA ALA A 254 24.25 -8.28 -10.75
C ALA A 254 24.58 -7.40 -9.52
N PRO A 255 25.84 -7.00 -9.41
CA PRO A 255 26.31 -6.15 -8.31
C PRO A 255 25.71 -4.74 -8.28
N ILE A 256 25.42 -4.28 -7.09
CA ILE A 256 24.80 -2.96 -6.92
C ILE A 256 25.69 -2.09 -6.11
N SER A 257 25.81 -0.83 -6.50
CA SER A 257 26.62 0.12 -5.76
C SER A 257 25.74 0.96 -4.88
N GLY A 258 24.45 1.06 -5.21
CA GLY A 258 23.53 1.86 -4.40
C GLY A 258 22.20 2.10 -5.12
N PRO A 259 21.32 2.87 -4.50
CA PRO A 259 20.03 3.17 -5.08
C PRO A 259 20.14 3.93 -6.41
N GLY A 260 19.11 3.86 -7.22
CA GLY A 260 19.12 4.58 -8.48
C GLY A 260 18.95 6.09 -8.22
N ILE A 261 19.33 6.89 -9.21
CA ILE A 261 19.18 8.31 -9.12
C ILE A 261 17.69 8.67 -9.09
N PRO A 262 17.38 9.77 -8.40
CA PRO A 262 16.01 10.25 -8.26
C PRO A 262 15.35 10.59 -9.57
N GLY A 263 14.03 10.74 -9.56
CA GLY A 263 13.25 11.10 -10.72
C GLY A 263 12.96 12.58 -10.70
N ARG A 264 12.61 13.14 -11.85
CA ARG A 264 12.36 14.57 -11.94
C ARG A 264 11.31 15.04 -10.94
N PHE A 265 10.20 14.34 -10.79
CA PHE A 265 9.13 14.74 -9.91
C PHE A 265 9.11 14.06 -8.56
N THR A 266 9.48 12.81 -8.53
CA THR A 266 9.45 12.03 -7.30
C THR A 266 10.52 12.45 -6.33
N LYS A 267 11.72 12.77 -6.84
CA LYS A 267 12.86 13.22 -6.04
C LYS A 267 13.24 12.36 -4.86
N GLU A 268 13.36 11.06 -5.04
CA GLU A 268 13.77 10.16 -3.97
C GLU A 268 14.61 9.01 -4.50
N LYS A 269 15.83 8.89 -4.02
CA LYS A 269 16.75 7.85 -4.47
C LYS A 269 16.17 6.45 -4.24
N GLY A 270 16.16 5.65 -5.30
CA GLY A 270 15.68 4.31 -5.25
C GLY A 270 14.20 4.09 -5.57
N ILE A 271 13.45 5.15 -5.82
CA ILE A 271 12.05 5.04 -6.15
C ILE A 271 11.71 5.86 -7.39
N LEU A 272 10.73 5.43 -8.17
CA LEU A 272 10.28 6.10 -9.35
C LEU A 272 8.78 5.88 -9.52
N ALA A 273 8.06 6.95 -9.87
CA ALA A 273 6.67 6.85 -10.13
C ALA A 273 6.47 6.09 -11.45
N TYR A 274 5.34 5.42 -11.61
CA TYR A 274 5.12 4.69 -12.84
C TYR A 274 5.22 5.66 -14.05
N TYR A 275 4.67 6.85 -13.88
CA TYR A 275 4.75 7.82 -14.96
C TYR A 275 6.18 8.22 -15.21
N GLU A 276 7.02 8.19 -14.19
CA GLU A 276 8.45 8.50 -14.37
C GLU A 276 9.09 7.35 -15.13
N ILE A 277 8.61 6.15 -14.86
CA ILE A 277 9.09 4.98 -15.53
C ILE A 277 8.70 4.92 -16.99
N CYS A 278 7.55 5.45 -17.32
CA CYS A 278 7.14 5.45 -18.71
C CYS A 278 8.09 6.32 -19.53
N ASP A 279 8.60 7.39 -18.93
CA ASP A 279 9.55 8.24 -19.61
C ASP A 279 10.90 7.52 -19.67
N PHE A 280 11.33 6.97 -18.54
CA PHE A 280 12.57 6.18 -18.51
C PHE A 280 12.67 5.07 -19.56
N LEU A 281 11.57 4.42 -19.87
CA LEU A 281 11.58 3.33 -20.81
C LEU A 281 12.18 3.69 -22.17
N HIS A 282 11.96 4.92 -22.63
CA HIS A 282 12.54 5.36 -23.91
C HIS A 282 14.06 5.23 -23.93
N GLY A 283 14.54 4.37 -24.81
CA GLY A 283 15.96 4.13 -24.91
C GLY A 283 16.43 3.14 -23.89
N ALA A 284 15.50 2.42 -23.29
CA ALA A 284 15.83 1.43 -22.28
C ALA A 284 15.65 0.01 -22.82
N THR A 285 16.30 -0.95 -22.20
CA THR A 285 16.14 -2.35 -22.59
C THR A 285 15.19 -3.04 -21.62
N THR A 286 14.07 -3.53 -22.11
CA THR A 286 13.07 -4.19 -21.28
C THR A 286 13.23 -5.68 -21.19
N HIS A 287 13.17 -6.19 -19.98
CA HIS A 287 13.28 -7.62 -19.70
C HIS A 287 12.11 -8.04 -18.80
N ARG A 288 11.90 -9.34 -18.69
CA ARG A 288 10.84 -9.86 -17.85
C ARG A 288 11.19 -11.21 -17.31
N PHE A 289 11.17 -11.37 -15.99
CA PHE A 289 11.38 -12.65 -15.33
C PHE A 289 10.17 -13.52 -15.62
N ARG A 290 10.37 -14.66 -16.29
CA ARG A 290 9.23 -15.53 -16.63
C ARG A 290 8.70 -16.31 -15.43
N ASP A 291 9.58 -16.74 -14.57
CA ASP A 291 9.17 -17.47 -13.39
C ASP A 291 8.35 -16.55 -12.47
N GLN A 292 8.86 -15.35 -12.23
CA GLN A 292 8.21 -14.38 -11.35
C GLN A 292 7.15 -13.52 -12.03
N GLN A 293 7.12 -13.53 -13.35
CA GLN A 293 6.15 -12.79 -14.14
C GLN A 293 6.10 -11.27 -13.87
N VAL A 294 7.27 -10.65 -13.74
CA VAL A 294 7.34 -9.23 -13.53
C VAL A 294 8.49 -8.71 -14.39
N PRO A 295 8.43 -7.47 -14.85
CA PRO A 295 9.52 -6.88 -15.62
C PRO A 295 10.51 -5.97 -14.92
N TYR A 296 11.56 -5.64 -15.67
CA TYR A 296 12.59 -4.74 -15.23
C TYR A 296 13.27 -4.08 -16.43
N ALA A 297 13.86 -2.90 -16.21
CA ALA A 297 14.49 -2.19 -17.30
C ALA A 297 15.89 -1.70 -16.90
N THR A 298 16.72 -1.50 -17.91
CA THR A 298 18.08 -1.01 -17.72
C THR A 298 18.41 0.03 -18.76
N LYS A 299 19.20 1.01 -18.34
CA LYS A 299 19.62 2.09 -19.20
C LYS A 299 20.87 2.64 -18.54
N GLY A 300 21.98 2.65 -19.25
CA GLY A 300 23.20 3.14 -18.65
C GLY A 300 23.53 2.27 -17.45
N ASN A 301 23.74 2.87 -16.27
CA ASN A 301 24.03 2.10 -15.09
C ASN A 301 22.79 2.04 -14.12
N GLN A 302 21.64 2.40 -14.65
CA GLN A 302 20.43 2.40 -13.85
C GLN A 302 19.62 1.13 -14.16
N TRP A 303 19.17 0.44 -13.11
CA TRP A 303 18.40 -0.81 -13.21
C TRP A 303 17.11 -0.62 -12.46
N VAL A 304 16.00 -0.80 -13.13
CA VAL A 304 14.69 -0.60 -12.53
C VAL A 304 13.77 -1.82 -12.54
N ALA A 305 13.25 -2.13 -11.36
CA ALA A 305 12.26 -3.21 -11.14
C ALA A 305 10.89 -2.59 -10.96
N TYR A 306 9.95 -2.90 -11.84
CA TYR A 306 8.64 -2.27 -11.79
C TYR A 306 7.48 -3.20 -12.21
N ASP A 307 6.28 -2.64 -12.31
CA ASP A 307 5.09 -3.34 -12.72
C ASP A 307 4.42 -2.63 -13.88
N ASP A 308 4.08 -3.35 -14.93
CA ASP A 308 3.34 -2.76 -16.04
C ASP A 308 1.91 -3.28 -16.07
N GLN A 309 1.15 -2.93 -17.06
CA GLN A 309 -0.25 -3.32 -17.20
C GLN A 309 -0.35 -4.83 -17.18
N GLU A 310 0.56 -5.51 -17.84
CA GLU A 310 0.49 -6.97 -17.88
C GLU A 310 0.81 -7.66 -16.56
N SER A 311 1.82 -7.20 -15.84
CA SER A 311 2.18 -7.83 -14.60
C SER A 311 1.10 -7.61 -13.57
N VAL A 312 0.50 -6.44 -13.66
CA VAL A 312 -0.54 -6.05 -12.72
C VAL A 312 -1.81 -6.83 -12.97
N LYS A 313 -2.11 -7.09 -14.23
CA LYS A 313 -3.27 -7.89 -14.59
C LYS A 313 -3.07 -9.35 -14.13
N ASN A 314 -1.85 -9.79 -14.28
CA ASN A 314 -1.47 -11.10 -13.86
C ASN A 314 -1.73 -11.30 -12.37
N LYS A 315 -1.25 -10.36 -11.59
CA LYS A 315 -1.45 -10.39 -10.15
C LYS A 315 -2.93 -10.38 -9.83
N ALA A 316 -3.69 -9.58 -10.56
CA ALA A 316 -5.13 -9.50 -10.34
C ALA A 316 -5.86 -10.82 -10.64
N ARG A 317 -5.44 -11.52 -11.68
CA ARG A 317 -6.02 -12.79 -11.99
C ARG A 317 -5.73 -13.77 -10.85
N TYR A 318 -4.48 -13.75 -10.40
CA TYR A 318 -4.08 -14.62 -9.30
C TYR A 318 -4.97 -14.39 -8.13
N LEU A 319 -5.11 -13.14 -7.77
CA LEU A 319 -5.91 -12.69 -6.64
C LEU A 319 -7.33 -13.22 -6.74
N LYS A 320 -7.88 -13.26 -7.96
CA LYS A 320 -9.26 -13.73 -8.19
C LYS A 320 -9.40 -15.24 -8.09
N ASN A 321 -8.37 -15.95 -8.51
CA ASN A 321 -8.37 -17.41 -8.46
C ASN A 321 -8.27 -17.97 -7.04
N ARG A 322 -7.61 -17.25 -6.14
CA ARG A 322 -7.52 -17.65 -4.76
C ARG A 322 -8.77 -17.16 -4.00
N GLN A 323 -9.63 -16.43 -4.70
CA GLN A 323 -10.86 -15.88 -4.17
C GLN A 323 -10.70 -14.89 -3.06
N LEU A 324 -9.84 -13.92 -3.24
CA LEU A 324 -9.58 -12.93 -2.22
C LEU A 324 -10.61 -11.80 -2.31
N ALA A 325 -10.64 -10.92 -1.34
CA ALA A 325 -11.59 -9.87 -1.31
C ALA A 325 -11.37 -8.82 -2.38
N GLY A 326 -10.12 -8.56 -2.68
CA GLY A 326 -9.83 -7.60 -3.75
C GLY A 326 -8.35 -7.26 -3.85
N ALA A 327 -8.10 -6.08 -4.38
CA ALA A 327 -6.74 -5.58 -4.52
C ALA A 327 -6.59 -4.26 -3.84
N MET A 328 -5.37 -3.90 -3.47
CA MET A 328 -5.04 -2.64 -2.87
C MET A 328 -3.92 -2.07 -3.74
N VAL A 329 -4.03 -0.81 -4.08
CA VAL A 329 -3.02 -0.14 -4.93
C VAL A 329 -2.31 0.94 -4.09
N TRP A 330 -1.00 0.85 -4.06
CA TRP A 330 -0.29 1.81 -3.23
C TRP A 330 0.07 2.99 -4.11
N ALA A 331 -0.58 4.13 -3.77
CA ALA A 331 -0.45 5.42 -4.32
C ALA A 331 -1.06 5.57 -5.71
N LEU A 332 -2.20 6.27 -5.76
CA LEU A 332 -2.86 6.68 -6.96
C LEU A 332 -2.08 7.85 -7.50
N ASP A 333 -1.30 8.50 -6.66
CA ASP A 333 -0.51 9.64 -7.08
C ASP A 333 0.78 9.21 -7.75
N LEU A 334 1.06 7.90 -7.74
CA LEU A 334 2.27 7.38 -8.39
C LEU A 334 1.95 6.74 -9.73
N ASP A 335 0.67 6.52 -10.00
CA ASP A 335 0.22 5.99 -11.26
C ASP A 335 0.20 7.19 -12.19
N ASP A 336 -0.08 6.98 -13.46
CA ASP A 336 -0.19 8.13 -14.36
C ASP A 336 -1.58 8.75 -14.23
N PHE A 337 -1.78 9.54 -13.17
CA PHE A 337 -3.09 10.09 -12.88
C PHE A 337 -3.55 11.09 -13.90
N ARG A 338 -2.64 11.81 -14.52
CA ARG A 338 -3.01 12.77 -15.59
C ARG A 338 -3.21 12.03 -16.91
N GLY A 339 -2.54 10.91 -17.08
CA GLY A 339 -2.64 10.14 -18.28
C GLY A 339 -1.92 10.75 -19.44
N THR A 340 -0.87 11.53 -19.18
CA THR A 340 -0.11 12.18 -20.25
C THR A 340 1.33 11.72 -20.38
N PHE A 341 1.79 10.80 -19.52
CA PHE A 341 3.17 10.34 -19.59
C PHE A 341 3.30 8.98 -20.28
N CYS A 342 2.35 8.10 -20.09
CA CYS A 342 2.49 6.74 -20.60
C CYS A 342 1.79 6.46 -21.88
N GLY A 343 2.23 7.06 -22.95
CA GLY A 343 1.60 6.85 -24.25
C GLY A 343 0.10 6.96 -24.12
N GLN A 344 -0.60 5.86 -24.33
CA GLN A 344 -2.06 5.79 -24.22
C GLN A 344 -2.63 6.89 -23.39
N ASN A 345 -3.54 7.67 -23.99
CA ASN A 345 -4.15 8.81 -23.31
C ASN A 345 -5.01 8.39 -22.12
N LEU A 346 -4.88 7.14 -21.69
CA LEU A 346 -5.66 6.63 -20.58
C LEU A 346 -5.21 7.25 -19.24
N THR A 347 -6.18 7.51 -18.41
CA THR A 347 -5.97 8.04 -17.08
C THR A 347 -5.86 6.86 -16.05
N PHE A 348 -4.88 6.89 -15.17
CA PHE A 348 -4.67 5.80 -14.19
C PHE A 348 -4.55 4.42 -14.87
N PRO A 349 -3.57 4.29 -15.76
CA PRO A 349 -3.39 3.07 -16.56
C PRO A 349 -3.26 1.81 -15.71
N LEU A 350 -2.40 1.85 -14.69
CA LEU A 350 -2.20 0.68 -13.84
C LEU A 350 -3.44 0.35 -12.99
N THR A 351 -4.03 1.31 -12.35
CA THR A 351 -5.17 1.05 -11.52
C THR A 351 -6.32 0.60 -12.35
N SER A 352 -6.42 1.14 -13.53
CA SER A 352 -7.48 0.73 -14.45
C SER A 352 -7.33 -0.74 -14.90
N ALA A 353 -6.10 -1.15 -15.10
CA ALA A 353 -5.82 -2.49 -15.52
C ALA A 353 -6.33 -3.45 -14.48
N VAL A 354 -6.04 -3.17 -13.21
CA VAL A 354 -6.50 -4.06 -12.14
C VAL A 354 -7.99 -4.12 -12.17
N LYS A 355 -8.61 -2.95 -12.29
CA LYS A 355 -10.09 -2.87 -12.29
C LYS A 355 -10.73 -3.67 -13.42
N ASP A 356 -10.07 -3.73 -14.54
CA ASP A 356 -10.61 -4.49 -15.64
C ASP A 356 -10.68 -5.96 -15.32
N VAL A 357 -9.67 -6.49 -14.63
CA VAL A 357 -9.65 -7.88 -14.27
C VAL A 357 -10.68 -8.19 -13.21
N LEU A 358 -10.80 -7.30 -12.24
CA LEU A 358 -11.75 -7.47 -11.16
C LEU A 358 -13.19 -7.37 -11.62
N ALA A 359 -13.41 -6.59 -12.67
CA ALA A 359 -14.71 -6.33 -13.23
C ALA A 359 -15.24 -7.31 -14.25
N ARG A 360 -14.39 -8.05 -14.97
CA ARG A 360 -14.92 -8.98 -15.98
C ARG A 360 -15.30 -10.35 -15.31
N VAL A 361 -15.59 -10.33 -14.00
CA VAL A 361 -16.11 -11.44 -13.20
C VAL A 361 -16.04 -11.06 -11.72
#